data_7T1C
#
_entry.id   7T1C
#
_cell.length_a   133.056
_cell.length_b   133.056
_cell.length_c   112.456
_cell.angle_alpha   90.000
_cell.angle_beta   90.000
_cell.angle_gamma   120.000
#
_symmetry.space_group_name_H-M   'P 62 2 2'
#
loop_
_entity.id
_entity.type
_entity.pdbx_description
1 polymer 'Ribulose-bisphosphate carboxylase'
2 water water
#
_entity_poly.entity_id   1
_entity_poly.type   'polypeptide(L)'
_entity_poly.pdbx_seq_one_letter_code
;MDQSNRYANLDLKEEDLINGGRHMLVAYRMKPAPGYGFLEVAAHIAAESSTGTNVEVSTTDDFTRGVDALVYEIDETAFG
DQGGLLKIAYPVELFDHNLIDDKHPVSHMWSLVLGNNQGMGDHLGLRMLDFYLPEVMVRNFDGPATNIEDMWRVLGRPTK
DGGYIAGTIIKPKLGLRPEPFAKACYDFWLGGTFIKNDEPQANQTFAPMKKVIPLVAEAMDRAQQETGEAKLFSANITAD
FFGEMIARGEYILNEFAKYGNEDHVAFLVDGFVTGPAGVATARHYFPKTFLHFHRAGHGALTSYKSPMGMDPLCYMKLAR
LQGASGIHTGTMGYGKMEGHSDERVLAYMLERDECQGPYFYQKWYGMKATTPIISGGMNALRLIGFFENLGHANVINTCG
GGSFGHIDGPAAGGKSLDQAYQCWKEGADPIEFAKEHKEFARAFESFPWDADKLFPGWREKLGVHK
;
_entity_poly.pdbx_strand_id   A
#
# COMPACT_ATOMS: atom_id res chain seq x y z
N ASP A 2 39.09 -3.95 -4.83
CA ASP A 2 39.99 -4.66 -5.75
C ASP A 2 39.31 -4.86 -7.10
N GLN A 3 38.01 -5.16 -7.08
CA GLN A 3 37.24 -5.34 -8.29
C GLN A 3 36.73 -4.03 -8.87
N SER A 4 37.18 -2.88 -8.33
CA SER A 4 36.65 -1.60 -8.79
C SER A 4 36.98 -1.35 -10.26
N ASN A 5 38.07 -1.93 -10.77
CA ASN A 5 38.45 -1.69 -12.16
C ASN A 5 37.40 -2.23 -13.11
N ARG A 6 36.77 -3.35 -12.76
CA ARG A 6 35.77 -3.98 -13.62
C ARG A 6 34.34 -3.53 -13.30
N TYR A 7 34.00 -3.44 -12.01
CA TYR A 7 32.63 -3.27 -11.59
C TYR A 7 32.31 -1.83 -11.19
N ALA A 8 33.16 -0.88 -11.56
CA ALA A 8 32.92 0.52 -11.28
C ALA A 8 33.32 1.35 -12.49
N ASN A 9 32.48 2.31 -12.84
CA ASN A 9 32.81 3.31 -13.86
C ASN A 9 32.17 4.61 -13.38
N LEU A 10 32.91 5.37 -12.59
CA LEU A 10 32.39 6.62 -12.03
C LEU A 10 32.36 7.74 -13.06
N ASP A 11 32.84 7.49 -14.27
CA ASP A 11 32.74 8.46 -15.36
C ASP A 11 31.41 8.37 -16.09
N LEU A 12 30.64 7.31 -15.86
CA LEU A 12 29.30 7.23 -16.41
C LEU A 12 28.42 8.33 -15.82
N LYS A 13 27.59 8.93 -16.66
CA LYS A 13 26.68 9.97 -16.22
C LYS A 13 25.27 9.40 -16.06
N GLU A 14 24.69 9.63 -14.89
CA GLU A 14 23.37 9.07 -14.61
C GLU A 14 22.35 9.44 -15.67
N GLU A 15 22.40 10.69 -16.16
CA GLU A 15 21.42 11.11 -17.15
C GLU A 15 21.56 10.30 -18.44
N ASP A 16 22.79 9.93 -18.81
CA ASP A 16 22.98 9.09 -19.98
C ASP A 16 22.41 7.70 -19.75
N LEU A 17 22.59 7.16 -18.53
CA LEU A 17 22.04 5.86 -18.21
C LEU A 17 20.50 5.88 -18.25
N ILE A 18 19.90 6.97 -17.78
CA ILE A 18 18.44 7.04 -17.77
C ILE A 18 17.90 7.26 -19.18
N ASN A 19 18.46 8.24 -19.90
CA ASN A 19 17.97 8.51 -21.25
C ASN A 19 18.18 7.32 -22.18
N GLY A 20 19.15 6.46 -21.89
CA GLY A 20 19.39 5.30 -22.73
C GLY A 20 18.38 4.19 -22.58
N GLY A 21 17.75 4.08 -21.41
CA GLY A 21 16.68 3.14 -21.23
C GLY A 21 17.07 1.68 -21.20
N ARG A 22 18.34 1.38 -20.95
CA ARG A 22 18.83 0.01 -20.96
C ARG A 22 19.36 -0.46 -19.61
N HIS A 23 19.07 0.26 -18.53
CA HIS A 23 19.57 -0.10 -17.22
C HIS A 23 18.52 0.17 -16.16
N MET A 24 18.39 -0.74 -15.21
CA MET A 24 17.75 -0.43 -13.93
C MET A 24 18.82 0.18 -13.04
N LEU A 25 18.47 1.27 -12.36
CA LEU A 25 19.39 1.94 -11.45
C LEU A 25 18.85 1.80 -10.02
N VAL A 26 19.77 1.66 -9.07
CA VAL A 26 19.41 1.53 -7.66
C VAL A 26 20.32 2.40 -6.83
N ALA A 27 19.74 3.16 -5.90
CA ALA A 27 20.48 3.95 -4.92
C ALA A 27 20.43 3.25 -3.57
N TYR A 28 21.58 3.16 -2.91
CA TYR A 28 21.67 2.53 -1.60
C TYR A 28 22.37 3.45 -0.60
N ARG A 29 22.05 3.25 0.68
CA ARG A 29 22.88 3.71 1.78
C ARG A 29 23.74 2.55 2.26
N MET A 30 25.06 2.74 2.29
CA MET A 30 26.00 1.66 2.60
C MET A 30 27.06 2.18 3.55
N LYS A 31 27.42 1.36 4.53
CA LYS A 31 28.46 1.70 5.50
C LYS A 31 29.56 0.66 5.43
N PRO A 32 30.77 1.01 5.00
CA PRO A 32 31.84 0.01 4.93
C PRO A 32 32.25 -0.48 6.31
N ALA A 33 32.62 -1.76 6.36
CA ALA A 33 33.18 -2.32 7.58
C ALA A 33 34.57 -1.75 7.81
N PRO A 34 35.07 -1.82 9.04
CA PRO A 34 36.42 -1.30 9.30
C PRO A 34 37.45 -2.00 8.43
N GLY A 35 38.36 -1.19 7.87
CA GLY A 35 39.44 -1.71 7.04
C GLY A 35 39.15 -1.70 5.56
N TYR A 36 37.91 -1.51 5.15
CA TYR A 36 37.51 -1.59 3.75
C TYR A 36 37.22 -0.20 3.20
N GLY A 37 37.61 0.00 1.93
CA GLY A 37 37.32 1.27 1.27
C GLY A 37 35.94 1.29 0.65
N PHE A 38 35.36 2.50 0.60
CA PHE A 38 33.98 2.61 0.13
C PHE A 38 33.83 2.10 -1.30
N LEU A 39 34.75 2.47 -2.18
CA LEU A 39 34.64 2.04 -3.57
C LEU A 39 34.87 0.54 -3.70
N GLU A 40 35.83 -0.01 -2.96
CA GLU A 40 36.09 -1.45 -3.01
C GLU A 40 34.84 -2.23 -2.60
N VAL A 41 34.19 -1.81 -1.52
CA VAL A 41 32.98 -2.50 -1.08
C VAL A 41 31.86 -2.30 -2.09
N ALA A 42 31.72 -1.09 -2.62
CA ALA A 42 30.69 -0.83 -3.63
C ALA A 42 30.87 -1.72 -4.84
N ALA A 43 32.10 -1.82 -5.35
CA ALA A 43 32.36 -2.70 -6.49
C ALA A 43 32.06 -4.15 -6.15
N HIS A 44 32.40 -4.57 -4.93
CA HIS A 44 32.08 -5.93 -4.51
C HIS A 44 30.58 -6.16 -4.52
N ILE A 45 29.80 -5.16 -4.08
CA ILE A 45 28.35 -5.28 -4.08
C ILE A 45 27.84 -5.46 -5.51
N ALA A 46 28.35 -4.64 -6.43
CA ALA A 46 27.94 -4.77 -7.83
C ALA A 46 28.26 -6.15 -8.38
N ALA A 47 29.43 -6.70 -8.04
CA ALA A 47 29.77 -8.04 -8.50
C ALA A 47 28.84 -9.08 -7.88
N GLU A 48 28.64 -9.01 -6.57
CA GLU A 48 27.79 -9.98 -5.90
C GLU A 48 26.35 -9.91 -6.41
N SER A 49 25.94 -8.73 -6.88
CA SER A 49 24.58 -8.49 -7.33
C SER A 49 24.40 -8.72 -8.83
N SER A 50 25.40 -9.27 -9.50
CA SER A 50 25.27 -9.52 -10.93
C SER A 50 26.06 -10.75 -11.34
N THR A 51 27.24 -10.56 -11.92
CA THR A 51 27.96 -11.66 -12.54
C THR A 51 28.90 -12.38 -11.59
N GLY A 52 29.08 -11.88 -10.37
CA GLY A 52 29.95 -12.51 -9.40
C GLY A 52 31.30 -12.88 -9.96
N THR A 53 32.21 -11.91 -10.01
CA THR A 53 33.50 -12.10 -10.66
C THR A 53 34.42 -10.91 -10.37
N PHE A 63 31.58 -13.27 -22.59
CA PHE A 63 30.46 -12.37 -22.85
C PHE A 63 30.04 -11.64 -21.57
N THR A 64 30.63 -12.05 -20.45
CA THR A 64 30.12 -11.63 -19.14
C THR A 64 30.24 -10.13 -18.90
N ARG A 65 31.18 -9.46 -19.56
CA ARG A 65 31.42 -8.05 -19.26
C ARG A 65 30.21 -7.20 -19.61
N GLY A 66 29.50 -7.54 -20.69
CA GLY A 66 28.38 -6.72 -21.15
C GLY A 66 27.23 -6.64 -20.17
N VAL A 67 27.14 -7.56 -19.22
CA VAL A 67 26.02 -7.62 -18.29
C VAL A 67 26.45 -7.35 -16.85
N ASP A 68 27.71 -7.00 -16.62
CA ASP A 68 28.14 -6.63 -15.27
C ASP A 68 27.30 -5.46 -14.76
N ALA A 69 26.91 -5.52 -13.49
CA ALA A 69 26.42 -4.33 -12.82
C ALA A 69 27.59 -3.39 -12.54
N LEU A 70 27.33 -2.09 -12.58
CA LEU A 70 28.39 -1.08 -12.48
C LEU A 70 28.04 -0.02 -11.44
N VAL A 71 28.97 0.19 -10.50
CA VAL A 71 28.92 1.36 -9.64
C VAL A 71 29.22 2.59 -10.50
N TYR A 72 28.28 3.53 -10.55
CA TYR A 72 28.48 4.76 -11.32
C TYR A 72 28.52 6.03 -10.48
N GLU A 73 28.14 5.98 -9.20
CA GLU A 73 28.22 7.16 -8.35
C GLU A 73 28.40 6.72 -6.91
N ILE A 74 29.28 7.42 -6.19
CA ILE A 74 29.45 7.21 -4.76
C ILE A 74 29.61 8.56 -4.07
N ASP A 75 29.08 8.67 -2.87
CA ASP A 75 29.34 9.81 -1.98
C ASP A 75 29.57 9.21 -0.59
N GLU A 76 30.84 8.99 -0.25
CA GLU A 76 31.22 8.23 0.93
C GLU A 76 30.78 8.88 2.24
N THR A 77 30.55 10.20 2.24
CA THR A 77 30.21 10.94 3.45
C THR A 77 28.75 11.39 3.48
N ALA A 78 27.92 10.91 2.56
CA ALA A 78 26.59 11.47 2.40
C ALA A 78 25.75 11.37 3.67
N PHE A 79 25.96 10.34 4.48
CA PHE A 79 25.10 10.08 5.64
C PHE A 79 25.88 10.02 6.94
N GLY A 80 27.04 10.67 7.00
CA GLY A 80 27.78 10.73 8.25
C GLY A 80 28.06 9.33 8.78
N ASP A 81 27.76 9.15 10.07
CA ASP A 81 28.06 7.88 10.72
C ASP A 81 27.13 6.75 10.29
N GLN A 82 26.13 7.03 9.47
CA GLN A 82 25.27 6.01 8.90
C GLN A 82 25.76 5.53 7.53
N GLY A 83 26.87 6.08 7.04
CA GLY A 83 27.46 5.60 5.81
C GLY A 83 27.43 6.61 4.68
N GLY A 84 27.45 6.12 3.43
CA GLY A 84 27.47 6.97 2.27
C GLY A 84 26.47 6.49 1.22
N LEU A 85 26.42 7.23 0.13
CA LEU A 85 25.51 6.95 -0.97
C LEU A 85 26.22 6.15 -2.06
N LEU A 86 25.52 5.14 -2.57
CA LEU A 86 26.05 4.24 -3.58
C LEU A 86 24.97 4.04 -4.64
N LYS A 87 25.35 4.19 -5.92
CA LYS A 87 24.43 3.93 -7.02
C LYS A 87 25.02 2.92 -7.99
N ILE A 88 24.19 1.97 -8.41
CA ILE A 88 24.60 0.86 -9.26
C ILE A 88 23.65 0.76 -10.44
N ALA A 89 24.21 0.54 -11.62
CA ALA A 89 23.45 0.36 -12.85
C ALA A 89 23.42 -1.10 -13.23
N TYR A 90 22.21 -1.64 -13.42
CA TYR A 90 21.99 -3.04 -13.77
C TYR A 90 21.52 -3.16 -15.20
N PRO A 91 22.32 -3.75 -16.11
CA PRO A 91 21.81 -3.98 -17.48
C PRO A 91 20.51 -4.77 -17.48
N VAL A 92 19.56 -4.33 -18.31
CA VAL A 92 18.25 -4.96 -18.31
C VAL A 92 18.35 -6.43 -18.71
N GLU A 93 19.42 -6.80 -19.42
CA GLU A 93 19.60 -8.18 -19.84
C GLU A 93 19.80 -9.13 -18.67
N LEU A 94 20.11 -8.59 -17.48
CA LEU A 94 20.27 -9.45 -16.31
C LEU A 94 18.96 -10.05 -15.84
N PHE A 95 17.82 -9.45 -16.18
CA PHE A 95 16.56 -9.79 -15.53
C PHE A 95 15.83 -10.90 -16.26
N ASP A 96 15.13 -11.72 -15.48
CA ASP A 96 14.56 -12.97 -15.91
C ASP A 96 13.28 -12.74 -16.70
N HIS A 97 12.85 -13.79 -17.40
CA HIS A 97 11.64 -13.75 -18.23
C HIS A 97 10.83 -15.02 -18.03
N ASN A 98 9.55 -14.86 -17.70
CA ASN A 98 8.65 -16.01 -17.64
C ASN A 98 8.64 -16.72 -18.98
N LEU A 99 8.66 -18.06 -18.93
CA LEU A 99 8.37 -18.84 -20.12
C LEU A 99 6.99 -18.51 -20.69
N ILE A 100 6.02 -18.23 -19.81
CA ILE A 100 4.64 -18.11 -20.26
C ILE A 100 4.42 -16.81 -21.03
N ASP A 101 4.81 -15.67 -20.44
CA ASP A 101 4.44 -14.36 -21.00
C ASP A 101 5.61 -13.40 -21.13
N ASP A 102 6.84 -13.85 -20.84
CA ASP A 102 8.08 -13.09 -20.99
C ASP A 102 8.22 -11.97 -19.97
N LYS A 103 7.34 -11.86 -18.99
CA LYS A 103 7.41 -10.80 -18.00
C LYS A 103 8.48 -11.09 -16.96
N HIS A 104 8.92 -10.02 -16.27
CA HIS A 104 9.94 -10.10 -15.23
C HIS A 104 9.32 -10.57 -13.92
N PRO A 105 9.86 -11.60 -13.27
CA PRO A 105 9.45 -11.87 -11.88
C PRO A 105 10.00 -10.81 -10.94
N VAL A 106 9.13 -10.35 -10.02
CA VAL A 106 9.59 -9.45 -8.97
C VAL A 106 10.57 -10.16 -8.05
N SER A 107 10.28 -11.41 -7.69
CA SER A 107 11.18 -12.19 -6.85
C SER A 107 12.59 -12.20 -7.43
N HIS A 108 12.71 -12.43 -8.73
CA HIS A 108 14.03 -12.49 -9.35
C HIS A 108 14.74 -11.14 -9.30
N MET A 109 14.03 -10.06 -9.64
CA MET A 109 14.66 -8.75 -9.60
C MET A 109 15.19 -8.45 -8.20
N TRP A 110 14.38 -8.75 -7.19
CA TRP A 110 14.79 -8.61 -5.79
C TRP A 110 16.05 -9.42 -5.49
N SER A 111 16.13 -10.64 -6.03
CA SER A 111 17.27 -11.49 -5.73
C SER A 111 18.59 -10.92 -6.25
N LEU A 112 18.53 -10.04 -7.25
CA LEU A 112 19.74 -9.41 -7.76
C LEU A 112 20.06 -8.11 -7.03
N VAL A 113 19.11 -7.18 -6.99
CA VAL A 113 19.42 -5.85 -6.46
C VAL A 113 19.42 -5.80 -4.94
N LEU A 114 18.86 -6.81 -4.28
CA LEU A 114 18.85 -6.85 -2.82
C LEU A 114 18.84 -8.30 -2.34
N GLY A 115 19.73 -9.11 -2.90
CA GLY A 115 19.79 -10.52 -2.56
C GLY A 115 20.98 -10.86 -1.69
N ASN A 116 21.96 -11.55 -2.27
CA ASN A 116 23.13 -11.94 -1.50
C ASN A 116 23.88 -10.73 -0.96
N ASN A 117 23.69 -9.54 -1.54
CA ASN A 117 24.40 -8.37 -1.03
C ASN A 117 23.93 -7.99 0.38
N GLN A 118 22.81 -8.55 0.86
CA GLN A 118 22.36 -8.31 2.22
C GLN A 118 23.12 -9.12 3.26
N GLY A 119 23.93 -10.09 2.84
CA GLY A 119 24.69 -10.91 3.76
C GLY A 119 26.18 -10.70 3.76
N MET A 120 26.68 -9.64 3.13
CA MET A 120 28.12 -9.49 2.98
C MET A 120 28.76 -9.03 4.28
N GLY A 121 29.99 -9.49 4.49
CA GLY A 121 30.73 -9.12 5.68
C GLY A 121 31.56 -7.87 5.59
N ASP A 122 31.72 -7.29 4.40
CA ASP A 122 32.55 -6.09 4.28
C ASP A 122 31.74 -4.81 4.33
N HIS A 123 30.47 -4.88 4.71
CA HIS A 123 29.70 -3.69 5.07
C HIS A 123 28.96 -3.92 6.38
N LEU A 124 28.63 -2.80 7.03
CA LEU A 124 27.84 -2.80 8.26
C LEU A 124 26.40 -2.33 8.01
N GLY A 125 25.98 -2.33 6.76
CA GLY A 125 24.66 -1.86 6.40
C GLY A 125 24.57 -1.62 4.92
N LEU A 126 23.47 -2.07 4.31
CA LEU A 126 23.23 -1.85 2.89
C LEU A 126 21.71 -1.75 2.72
N ARG A 127 21.22 -0.57 2.36
CA ARG A 127 19.80 -0.28 2.34
C ARG A 127 19.43 0.35 1.00
N MET A 128 18.43 -0.25 0.33
CA MET A 128 17.86 0.36 -0.88
C MET A 128 17.05 1.59 -0.53
N LEU A 129 17.37 2.71 -1.19
CA LEU A 129 16.66 3.96 -0.99
C LEU A 129 15.66 4.28 -2.08
N ASP A 130 15.93 3.85 -3.31
CA ASP A 130 15.13 4.16 -4.49
C ASP A 130 15.65 3.31 -5.63
N PHE A 131 14.83 3.17 -6.67
CA PHE A 131 15.29 2.52 -7.89
C PHE A 131 14.54 3.07 -9.09
N TYR A 132 15.17 2.94 -10.25
CA TYR A 132 14.66 3.43 -11.52
C TYR A 132 14.43 2.24 -12.45
N LEU A 133 13.20 2.10 -12.95
CA LEU A 133 12.94 1.14 -14.00
C LEU A 133 12.73 1.85 -15.32
N PRO A 134 13.45 1.47 -16.37
CA PRO A 134 13.20 2.05 -17.70
C PRO A 134 11.94 1.46 -18.31
N GLU A 135 11.49 2.11 -19.39
CA GLU A 135 10.22 1.72 -20.03
C GLU A 135 10.17 0.24 -20.33
N VAL A 136 11.26 -0.30 -20.89
CA VAL A 136 11.26 -1.69 -21.33
C VAL A 136 11.00 -2.64 -20.17
N MET A 137 11.39 -2.24 -18.95
CA MET A 137 11.12 -3.10 -17.79
C MET A 137 9.71 -2.86 -17.23
N VAL A 138 9.32 -1.59 -17.06
CA VAL A 138 8.01 -1.30 -16.48
C VAL A 138 6.91 -2.01 -17.25
N ARG A 139 7.00 -1.95 -18.58
CA ARG A 139 6.00 -2.58 -19.43
C ARG A 139 6.01 -4.09 -19.34
N ASN A 140 7.00 -4.67 -18.65
CA ASN A 140 7.15 -6.11 -18.54
C ASN A 140 6.89 -6.64 -17.14
N PHE A 141 6.16 -5.90 -16.32
CA PHE A 141 5.67 -6.41 -15.04
C PHE A 141 4.14 -6.49 -15.10
N ASP A 142 3.57 -7.34 -14.25
CA ASP A 142 2.12 -7.51 -14.22
C ASP A 142 1.38 -6.19 -13.99
N GLY A 143 1.72 -5.49 -12.91
CA GLY A 143 0.96 -4.33 -12.49
C GLY A 143 -0.44 -4.71 -12.04
N PRO A 144 -1.17 -3.74 -11.47
CA PRO A 144 -2.53 -4.05 -11.00
C PRO A 144 -3.50 -4.28 -12.15
N ALA A 145 -4.51 -5.10 -11.87
CA ALA A 145 -5.65 -5.31 -12.77
C ALA A 145 -6.89 -4.59 -12.29
N THR A 146 -6.95 -4.22 -11.01
CA THR A 146 -8.13 -3.68 -10.36
C THR A 146 -7.64 -2.65 -9.35
N ASN A 147 -8.46 -1.63 -9.09
CA ASN A 147 -8.15 -0.64 -8.05
C ASN A 147 -9.44 0.07 -7.67
N ILE A 148 -9.33 1.26 -7.06
CA ILE A 148 -10.52 1.92 -6.54
C ILE A 148 -11.52 2.22 -7.65
N GLU A 149 -11.04 2.39 -8.89
CA GLU A 149 -11.94 2.69 -10.00
C GLU A 149 -13.01 1.60 -10.15
N ASP A 150 -12.65 0.35 -9.88
CA ASP A 150 -13.61 -0.74 -9.97
C ASP A 150 -14.59 -0.71 -8.81
N MET A 151 -14.14 -0.29 -7.62
CA MET A 151 -15.04 -0.05 -6.52
C MET A 151 -16.01 1.11 -6.83
N TRP A 152 -15.49 2.19 -7.40
CA TRP A 152 -16.39 3.29 -7.78
C TRP A 152 -17.50 2.78 -8.68
N ARG A 153 -17.16 1.93 -9.64
CA ARG A 153 -18.16 1.40 -10.55
C ARG A 153 -19.22 0.59 -9.79
N VAL A 154 -18.79 -0.28 -8.88
CA VAL A 154 -19.74 -1.08 -8.11
C VAL A 154 -20.61 -0.18 -7.24
N LEU A 155 -20.06 0.93 -6.75
CA LEU A 155 -20.79 1.85 -5.88
C LEU A 155 -21.67 2.83 -6.63
N GLY A 156 -21.68 2.80 -7.96
CA GLY A 156 -22.47 3.76 -8.71
C GLY A 156 -21.90 5.15 -8.75
N ARG A 157 -20.60 5.29 -8.58
CA ARG A 157 -19.90 6.56 -8.64
C ARG A 157 -19.28 6.76 -10.01
N PRO A 158 -18.91 8.01 -10.34
CA PRO A 158 -18.08 8.23 -11.52
C PRO A 158 -16.76 7.50 -11.37
N THR A 159 -16.24 6.99 -12.48
CA THR A 159 -14.96 6.28 -12.45
C THR A 159 -13.77 7.22 -12.58
N LYS A 160 -14.01 8.52 -12.71
CA LYS A 160 -12.93 9.51 -12.79
C LYS A 160 -12.40 9.86 -11.41
N ASP A 161 -13.11 10.72 -10.69
CA ASP A 161 -12.72 11.12 -9.34
C ASP A 161 -13.84 10.71 -8.39
N GLY A 162 -14.12 9.40 -8.31
CA GLY A 162 -15.25 8.92 -7.52
C GLY A 162 -15.14 9.20 -6.04
N GLY A 163 -13.94 9.48 -5.55
CA GLY A 163 -13.78 9.97 -4.20
C GLY A 163 -13.66 8.94 -3.10
N TYR A 164 -14.06 9.35 -1.91
CA TYR A 164 -13.69 8.69 -0.67
C TYR A 164 -14.61 7.52 -0.35
N ILE A 165 -14.01 6.44 0.16
CA ILE A 165 -14.75 5.27 0.60
C ILE A 165 -14.57 5.12 2.11
N ALA A 166 -15.68 5.23 2.85
CA ALA A 166 -15.65 5.20 4.30
C ALA A 166 -15.60 3.75 4.81
N GLY A 167 -14.56 3.43 5.58
CA GLY A 167 -14.36 2.09 6.07
C GLY A 167 -14.15 2.04 7.57
N THR A 168 -14.06 0.81 8.06
CA THR A 168 -13.81 0.57 9.47
C THR A 168 -13.04 -0.73 9.63
N ILE A 169 -12.56 -0.95 10.85
CA ILE A 169 -12.07 -2.25 11.28
C ILE A 169 -12.86 -2.65 12.52
N ILE A 170 -13.16 -3.93 12.63
CA ILE A 170 -13.96 -4.44 13.74
C ILE A 170 -13.04 -4.72 14.92
N LYS A 171 -13.49 -4.33 16.11
CA LYS A 171 -12.76 -4.54 17.34
C LYS A 171 -13.60 -5.41 18.28
N PRO A 172 -13.00 -6.41 18.95
CA PRO A 172 -11.60 -6.83 18.87
C PRO A 172 -11.27 -7.38 17.50
N LYS A 173 -10.04 -7.17 17.05
CA LYS A 173 -9.70 -7.54 15.68
C LYS A 173 -9.65 -9.05 15.50
N LEU A 174 -9.37 -9.81 16.56
CA LEU A 174 -9.33 -11.25 16.48
C LEU A 174 -9.91 -11.84 17.74
N GLY A 175 -10.82 -12.81 17.59
CA GLY A 175 -11.45 -13.43 18.73
C GLY A 175 -12.97 -13.45 18.68
N LEU A 176 -13.58 -12.57 17.90
CA LEU A 176 -15.04 -12.56 17.81
C LEU A 176 -15.54 -13.84 17.16
N ARG A 177 -16.59 -14.41 17.72
CA ARG A 177 -17.24 -15.56 17.13
C ARG A 177 -18.01 -15.11 15.89
N PRO A 178 -18.53 -16.05 15.11
CA PRO A 178 -19.10 -15.67 13.80
C PRO A 178 -20.29 -14.72 13.88
N GLU A 179 -21.24 -14.99 14.79
CA GLU A 179 -22.46 -14.17 14.82
C GLU A 179 -22.17 -12.77 15.34
N PRO A 180 -21.40 -12.56 16.40
CA PRO A 180 -21.08 -11.20 16.82
C PRO A 180 -20.29 -10.42 15.78
N PHE A 181 -19.44 -11.09 15.00
CA PHE A 181 -18.69 -10.40 13.96
C PHE A 181 -19.62 -9.91 12.86
N ALA A 182 -20.51 -10.77 12.38
CA ALA A 182 -21.47 -10.38 11.34
C ALA A 182 -22.37 -9.26 11.83
N LYS A 183 -22.77 -9.30 13.11
CA LYS A 183 -23.62 -8.23 13.65
C LYS A 183 -22.90 -6.89 13.62
N ALA A 184 -21.62 -6.88 14.00
CA ALA A 184 -20.85 -5.65 13.95
C ALA A 184 -20.73 -5.13 12.52
N CYS A 185 -20.58 -6.05 11.56
CA CYS A 185 -20.54 -5.65 10.16
C CYS A 185 -21.86 -4.99 9.74
N TYR A 186 -22.98 -5.63 10.09
CA TYR A 186 -24.28 -5.06 9.78
C TYR A 186 -24.43 -3.67 10.41
N ASP A 187 -24.10 -3.56 11.69
CA ASP A 187 -24.28 -2.29 12.40
C ASP A 187 -23.53 -1.17 11.69
N PHE A 188 -22.30 -1.41 11.25
CA PHE A 188 -21.54 -0.36 10.58
C PHE A 188 -22.08 -0.10 9.18
N TRP A 189 -22.40 -1.16 8.43
CA TRP A 189 -22.85 -1.01 7.05
C TRP A 189 -24.14 -0.22 6.93
N LEU A 190 -24.89 -0.04 8.02
CA LEU A 190 -26.07 0.81 7.95
C LEU A 190 -25.71 2.27 7.69
N GLY A 191 -24.43 2.64 7.83
CA GLY A 191 -23.98 3.99 7.55
C GLY A 191 -22.71 4.02 6.70
N GLY A 192 -21.76 3.13 7.01
CA GLY A 192 -20.51 3.07 6.29
C GLY A 192 -20.57 2.12 5.10
N THR A 193 -19.45 2.04 4.38
CA THR A 193 -19.38 1.33 3.11
C THR A 193 -18.48 0.10 3.14
N PHE A 194 -17.26 0.22 3.67
CA PHE A 194 -16.19 -0.76 3.48
C PHE A 194 -15.78 -1.38 4.81
N ILE A 195 -15.66 -2.71 4.83
CA ILE A 195 -15.19 -3.45 5.99
C ILE A 195 -14.15 -4.46 5.55
N LYS A 196 -13.10 -4.63 6.36
CA LYS A 196 -12.05 -5.61 6.10
C LYS A 196 -11.89 -6.58 7.26
N ASN A 197 -11.52 -7.82 6.94
CA ASN A 197 -10.97 -8.74 7.92
C ASN A 197 -9.72 -8.13 8.55
N ASP A 198 -9.39 -8.59 9.77
CA ASP A 198 -8.08 -8.34 10.36
C ASP A 198 -7.08 -9.28 9.70
N GLU A 199 -5.81 -8.86 9.65
CA GLU A 199 -4.85 -9.59 8.83
C GLU A 199 -4.65 -11.05 9.22
N PRO A 200 -4.87 -11.48 10.48
CA PRO A 200 -4.69 -12.90 10.81
C PRO A 200 -6.02 -13.60 11.06
N GLN A 201 -7.12 -12.91 10.76
CA GLN A 201 -8.47 -13.42 10.93
C GLN A 201 -8.85 -14.23 9.68
N ALA A 202 -9.09 -15.53 9.85
CA ALA A 202 -9.40 -16.36 8.69
C ALA A 202 -10.24 -17.59 9.02
N ASN A 203 -9.59 -18.71 9.33
CA ASN A 203 -10.31 -19.96 9.55
C ASN A 203 -9.91 -20.61 10.87
N GLN A 204 -9.83 -19.80 11.93
CA GLN A 204 -9.61 -20.32 13.27
C GLN A 204 -10.79 -21.19 13.72
N THR A 205 -10.49 -22.12 14.64
CA THR A 205 -11.53 -23.04 15.11
C THR A 205 -12.67 -22.30 15.83
N PHE A 206 -12.38 -21.17 16.47
CA PHE A 206 -13.44 -20.45 17.18
C PHE A 206 -14.27 -19.57 16.26
N ALA A 207 -13.88 -19.42 14.99
CA ALA A 207 -14.66 -18.66 14.02
C ALA A 207 -14.36 -19.20 12.62
N PRO A 208 -14.84 -20.40 12.31
CA PRO A 208 -14.50 -21.02 11.02
C PRO A 208 -15.01 -20.20 9.84
N MET A 209 -14.18 -20.15 8.80
CA MET A 209 -14.52 -19.43 7.58
C MET A 209 -15.92 -19.78 7.09
N LYS A 210 -16.24 -21.06 7.05
CA LYS A 210 -17.50 -21.50 6.46
C LYS A 210 -18.67 -21.30 7.40
N LYS A 211 -18.43 -20.79 8.61
CA LYS A 211 -19.49 -20.28 9.46
C LYS A 211 -19.64 -18.77 9.38
N VAL A 212 -18.52 -18.03 9.40
CA VAL A 212 -18.63 -16.58 9.48
C VAL A 212 -18.93 -15.96 8.11
N ILE A 213 -18.37 -16.49 7.02
CA ILE A 213 -18.55 -15.85 5.71
C ILE A 213 -20.02 -15.85 5.31
N PRO A 214 -20.78 -16.93 5.44
CA PRO A 214 -22.22 -16.84 5.11
C PRO A 214 -22.95 -15.79 5.93
N LEU A 215 -22.57 -15.60 7.19
CA LEU A 215 -23.24 -14.59 8.02
C LEU A 215 -22.88 -13.18 7.57
N VAL A 216 -21.64 -12.97 7.12
CA VAL A 216 -21.25 -11.66 6.62
C VAL A 216 -21.96 -11.35 5.32
N ALA A 217 -22.03 -12.33 4.41
CA ALA A 217 -22.76 -12.14 3.17
C ALA A 217 -24.21 -11.77 3.45
N GLU A 218 -24.81 -12.43 4.44
CA GLU A 218 -26.20 -12.13 4.79
C GLU A 218 -26.33 -10.74 5.39
N ALA A 219 -25.36 -10.33 6.21
CA ALA A 219 -25.38 -8.98 6.77
C ALA A 219 -25.27 -7.92 5.69
N MET A 220 -24.38 -8.13 4.71
CA MET A 220 -24.29 -7.22 3.57
C MET A 220 -25.64 -7.09 2.88
N ASP A 221 -26.26 -8.22 2.55
CA ASP A 221 -27.54 -8.19 1.86
C ASP A 221 -28.58 -7.41 2.65
N ARG A 222 -28.67 -7.68 3.96
CA ARG A 222 -29.66 -6.99 4.78
C ARG A 222 -29.40 -5.49 4.81
N ALA A 223 -28.15 -5.08 5.03
CA ALA A 223 -27.84 -3.66 5.06
C ALA A 223 -28.12 -3.00 3.72
N GLN A 224 -27.83 -3.70 2.62
CA GLN A 224 -28.08 -3.14 1.30
C GLN A 224 -29.57 -3.01 1.02
N GLN A 225 -30.36 -3.99 1.46
CA GLN A 225 -31.79 -3.88 1.26
C GLN A 225 -32.39 -2.75 2.10
N GLU A 226 -31.86 -2.54 3.31
CA GLU A 226 -32.43 -1.54 4.19
C GLU A 226 -31.96 -0.13 3.86
N THR A 227 -30.76 0.03 3.32
CA THR A 227 -30.23 1.35 3.00
C THR A 227 -30.36 1.72 1.53
N GLY A 228 -30.53 0.73 0.64
CA GLY A 228 -30.47 1.01 -0.77
C GLY A 228 -29.10 1.40 -1.29
N GLU A 229 -28.06 1.20 -0.50
CA GLU A 229 -26.70 1.57 -0.86
C GLU A 229 -25.81 0.35 -0.89
N ALA A 230 -24.84 0.33 -1.81
CA ALA A 230 -23.94 -0.80 -1.97
C ALA A 230 -22.84 -0.80 -0.91
N LYS A 231 -22.49 -1.99 -0.44
CA LYS A 231 -21.51 -2.19 0.63
C LYS A 231 -20.41 -3.12 0.13
N LEU A 232 -19.23 -3.00 0.73
CA LEU A 232 -18.04 -3.73 0.31
C LEU A 232 -17.40 -4.47 1.49
N PHE A 233 -16.87 -5.66 1.21
CA PHE A 233 -16.17 -6.47 2.21
C PHE A 233 -14.87 -7.01 1.63
N SER A 234 -13.79 -6.86 2.39
CA SER A 234 -12.46 -7.34 2.01
C SER A 234 -12.13 -8.55 2.88
N ALA A 235 -12.12 -9.73 2.24
CA ALA A 235 -12.04 -11.01 2.94
C ALA A 235 -10.63 -11.59 2.82
N ASN A 236 -10.08 -12.02 3.94
CA ASN A 236 -8.75 -12.59 3.98
C ASN A 236 -8.71 -13.95 3.29
N ILE A 237 -7.85 -14.09 2.28
CA ILE A 237 -7.60 -15.36 1.63
C ILE A 237 -6.15 -15.81 1.79
N THR A 238 -5.40 -15.18 2.69
CA THR A 238 -3.99 -15.52 2.87
C THR A 238 -3.80 -17.01 3.13
N ALA A 239 -2.82 -17.59 2.44
CA ALA A 239 -2.39 -18.96 2.68
C ALA A 239 -1.03 -19.11 2.02
N ASP A 240 -0.32 -20.20 2.36
CA ASP A 240 0.92 -20.51 1.66
C ASP A 240 0.66 -21.13 0.29
N PHE A 241 -0.27 -22.07 0.23
CA PHE A 241 -0.45 -22.96 -0.92
C PHE A 241 -1.47 -22.37 -1.89
N PHE A 242 -1.07 -22.26 -3.16
CA PHE A 242 -1.95 -21.62 -4.14
C PHE A 242 -3.29 -22.33 -4.21
N GLY A 243 -3.32 -23.65 -4.07
CA GLY A 243 -4.58 -24.37 -4.11
C GLY A 243 -5.51 -23.98 -2.98
N GLU A 244 -4.94 -23.68 -1.81
CA GLU A 244 -5.76 -23.24 -0.69
C GLU A 244 -6.28 -21.83 -0.91
N MET A 245 -5.45 -20.93 -1.43
CA MET A 245 -5.92 -19.57 -1.67
C MET A 245 -7.01 -19.58 -2.73
N ILE A 246 -6.90 -20.46 -3.72
CA ILE A 246 -7.96 -20.63 -4.72
C ILE A 246 -9.23 -21.13 -4.05
N ALA A 247 -9.11 -22.13 -3.18
CA ALA A 247 -10.27 -22.67 -2.48
C ALA A 247 -10.97 -21.60 -1.65
N ARG A 248 -10.18 -20.80 -0.92
CA ARG A 248 -10.76 -19.73 -0.11
C ARG A 248 -11.49 -18.70 -0.96
N GLY A 249 -10.83 -18.23 -2.01
CA GLY A 249 -11.43 -17.20 -2.85
C GLY A 249 -12.69 -17.67 -3.55
N GLU A 250 -12.66 -18.87 -4.11
CA GLU A 250 -13.84 -19.39 -4.80
C GLU A 250 -14.98 -19.60 -3.81
N TYR A 251 -14.67 -20.11 -2.62
CA TYR A 251 -15.70 -20.31 -1.62
C TYR A 251 -16.35 -18.98 -1.25
N ILE A 252 -15.53 -17.95 -0.99
CA ILE A 252 -16.05 -16.66 -0.56
C ILE A 252 -16.89 -16.02 -1.65
N LEU A 253 -16.38 -15.98 -2.88
CA LEU A 253 -17.13 -15.36 -3.97
C LEU A 253 -18.48 -16.05 -4.16
N ASN A 254 -18.52 -17.38 -4.01
CA ASN A 254 -19.78 -18.09 -4.22
C ASN A 254 -20.79 -17.73 -3.13
N GLU A 255 -20.33 -17.58 -1.89
CA GLU A 255 -21.23 -17.19 -0.81
C GLU A 255 -21.83 -15.81 -1.07
N PHE A 256 -21.02 -14.87 -1.54
CA PHE A 256 -21.53 -13.53 -1.83
C PHE A 256 -22.37 -13.53 -3.11
N ALA A 257 -22.08 -14.45 -4.02
CA ALA A 257 -22.85 -14.56 -5.26
C ALA A 257 -24.29 -15.01 -4.99
N LYS A 258 -24.52 -15.72 -3.89
CA LYS A 258 -25.87 -16.14 -3.54
C LYS A 258 -26.79 -14.94 -3.29
N TYR A 259 -26.22 -13.76 -3.07
CA TYR A 259 -26.99 -12.54 -2.88
C TYR A 259 -26.77 -11.55 -4.01
N GLY A 260 -26.11 -11.95 -5.09
CA GLY A 260 -25.81 -11.05 -6.17
C GLY A 260 -24.68 -10.07 -5.90
N ASN A 261 -23.82 -10.38 -4.93
CA ASN A 261 -22.84 -9.42 -4.45
C ASN A 261 -21.40 -9.88 -4.65
N GLU A 262 -21.15 -10.73 -5.65
CA GLU A 262 -19.79 -11.24 -5.82
C GLU A 262 -18.80 -10.13 -6.16
N ASP A 263 -19.22 -9.09 -6.88
CA ASP A 263 -18.29 -8.01 -7.18
C ASP A 263 -18.25 -6.95 -6.08
N HIS A 264 -18.89 -7.21 -4.94
CA HIS A 264 -18.72 -6.40 -3.74
C HIS A 264 -17.62 -6.95 -2.84
N VAL A 265 -16.93 -8.00 -3.28
CA VAL A 265 -15.90 -8.66 -2.50
C VAL A 265 -14.53 -8.20 -2.98
N ALA A 266 -13.67 -7.85 -2.04
CA ALA A 266 -12.23 -7.71 -2.26
C ALA A 266 -11.51 -8.81 -1.49
N PHE A 267 -10.29 -9.11 -1.91
CA PHE A 267 -9.49 -10.14 -1.27
C PHE A 267 -8.31 -9.50 -0.53
N LEU A 268 -8.21 -9.76 0.77
CA LEU A 268 -7.07 -9.34 1.56
C LEU A 268 -5.99 -10.41 1.50
N VAL A 269 -4.78 -9.99 1.15
CA VAL A 269 -3.62 -10.88 1.04
C VAL A 269 -2.49 -10.27 1.85
N ASP A 270 -2.00 -11.02 2.84
CA ASP A 270 -0.89 -10.58 3.68
C ASP A 270 0.40 -10.77 2.87
N GLY A 271 0.68 -9.77 2.04
CA GLY A 271 1.64 -9.94 0.97
C GLY A 271 3.08 -10.06 1.43
N PHE A 272 3.42 -9.48 2.58
CA PHE A 272 4.80 -9.61 3.04
C PHE A 272 5.08 -11.03 3.52
N VAL A 273 4.14 -11.62 4.27
CA VAL A 273 4.40 -12.95 4.83
C VAL A 273 4.12 -14.07 3.83
N THR A 274 3.29 -13.83 2.79
CA THR A 274 3.23 -14.80 1.70
C THR A 274 4.41 -14.64 0.75
N GLY A 275 4.91 -13.41 0.61
CA GLY A 275 5.87 -13.07 -0.41
C GLY A 275 5.19 -12.75 -1.71
N PRO A 276 5.96 -12.22 -2.66
CA PRO A 276 5.42 -11.93 -3.99
C PRO A 276 4.69 -13.09 -4.63
N ALA A 277 5.07 -14.33 -4.35
CA ALA A 277 4.42 -15.45 -5.01
C ALA A 277 2.94 -15.54 -4.59
N GLY A 278 2.65 -15.24 -3.32
CA GLY A 278 1.27 -15.30 -2.87
C GLY A 278 0.42 -14.19 -3.46
N VAL A 279 0.99 -12.99 -3.57
CA VAL A 279 0.30 -11.90 -4.25
C VAL A 279 0.03 -12.28 -5.69
N ALA A 280 1.02 -12.91 -6.35
CA ALA A 280 0.84 -13.28 -7.75
C ALA A 280 -0.26 -14.32 -7.91
N THR A 281 -0.42 -15.23 -6.95
CA THR A 281 -1.52 -16.20 -7.05
C THR A 281 -2.86 -15.47 -7.15
N ALA A 282 -3.10 -14.51 -6.25
CA ALA A 282 -4.35 -13.78 -6.28
C ALA A 282 -4.46 -12.91 -7.53
N ARG A 283 -3.35 -12.29 -7.93
CA ARG A 283 -3.36 -11.40 -9.08
C ARG A 283 -3.63 -12.14 -10.39
N HIS A 284 -3.13 -13.36 -10.51
CA HIS A 284 -3.29 -14.15 -11.74
C HIS A 284 -4.60 -14.93 -11.76
N TYR A 285 -5.00 -15.51 -10.63
CA TYR A 285 -6.20 -16.32 -10.61
C TYR A 285 -7.46 -15.47 -10.46
N PHE A 286 -7.38 -14.38 -9.68
CA PHE A 286 -8.52 -13.53 -9.39
C PHE A 286 -8.27 -12.07 -9.80
N PRO A 287 -7.81 -11.82 -11.04
CA PRO A 287 -7.40 -10.45 -11.37
C PRO A 287 -8.48 -9.41 -11.19
N LYS A 288 -9.75 -9.74 -11.41
CA LYS A 288 -10.82 -8.77 -11.32
C LYS A 288 -11.39 -8.61 -9.92
N THR A 289 -10.84 -9.32 -8.94
CA THR A 289 -11.19 -9.11 -7.53
C THR A 289 -10.11 -8.24 -6.91
N PHE A 290 -10.52 -7.07 -6.41
CA PHE A 290 -9.61 -6.11 -5.78
C PHE A 290 -8.68 -6.81 -4.81
N LEU A 291 -7.37 -6.65 -5.04
CA LEU A 291 -6.33 -7.30 -4.27
C LEU A 291 -5.86 -6.31 -3.21
N HIS A 292 -6.35 -6.50 -1.98
CA HIS A 292 -6.06 -5.62 -0.85
C HIS A 292 -4.79 -6.16 -0.18
N PHE A 293 -3.67 -5.49 -0.43
CA PHE A 293 -2.35 -5.94 0.04
C PHE A 293 -2.16 -5.44 1.47
N HIS A 294 -2.07 -6.36 2.42
CA HIS A 294 -1.80 -6.02 3.80
C HIS A 294 -0.33 -6.29 4.10
N ARG A 295 0.35 -5.28 4.66
CA ARG A 295 1.80 -5.31 4.79
C ARG A 295 2.31 -5.97 6.08
N ALA A 296 1.43 -6.59 6.87
CA ALA A 296 1.81 -7.14 8.16
C ALA A 296 3.17 -7.81 8.10
N GLY A 297 4.10 -7.34 8.92
CA GLY A 297 5.44 -7.89 8.99
C GLY A 297 6.49 -7.14 8.21
N HIS A 298 6.08 -6.25 7.30
CA HIS A 298 7.03 -5.55 6.43
C HIS A 298 8.04 -4.74 7.23
N GLY A 299 7.72 -4.38 8.47
CA GLY A 299 8.63 -3.59 9.28
C GLY A 299 10.01 -4.21 9.42
N ALA A 300 10.09 -5.54 9.39
CA ALA A 300 11.40 -6.18 9.46
C ALA A 300 12.28 -5.76 8.29
N LEU A 301 11.66 -5.51 7.14
CA LEU A 301 12.37 -5.14 5.92
C LEU A 301 12.50 -3.64 5.73
N THR A 302 11.51 -2.84 6.18
CA THR A 302 11.45 -1.43 5.81
C THR A 302 11.61 -0.47 6.99
N SER A 303 11.61 -0.94 8.22
CA SER A 303 11.76 -0.03 9.35
C SER A 303 13.06 0.75 9.26
N TYR A 304 12.98 2.06 9.53
CA TYR A 304 14.17 2.89 9.55
C TYR A 304 15.14 2.49 10.65
N LYS A 305 14.70 1.68 11.61
CA LYS A 305 15.59 1.17 12.64
C LYS A 305 16.57 0.15 12.12
N SER A 306 16.38 -0.34 10.88
CA SER A 306 17.31 -1.29 10.30
C SER A 306 18.18 -0.63 9.24
N PRO A 307 19.49 -0.89 9.24
CA PRO A 307 20.36 -0.42 8.16
C PRO A 307 20.36 -1.33 6.94
N MET A 308 19.59 -2.41 7.00
CA MET A 308 19.39 -3.34 5.90
C MET A 308 18.04 -3.08 5.24
N GLY A 309 17.74 -3.84 4.21
CA GLY A 309 16.42 -3.81 3.59
C GLY A 309 16.19 -2.67 2.62
N MET A 310 15.01 -2.06 2.68
CA MET A 310 14.62 -1.03 1.73
C MET A 310 13.67 -0.04 2.38
N ASP A 311 13.73 1.21 1.89
CA ASP A 311 12.84 2.24 2.39
C ASP A 311 11.39 1.94 1.98
N PRO A 312 10.42 2.41 2.77
CA PRO A 312 9.00 2.18 2.41
C PRO A 312 8.65 2.53 0.98
N LEU A 313 9.22 3.61 0.42
CA LEU A 313 8.87 3.99 -0.94
C LEU A 313 9.22 2.87 -1.93
N CYS A 314 10.36 2.21 -1.71
CA CYS A 314 10.72 1.08 -2.58
C CYS A 314 9.70 -0.05 -2.45
N TYR A 315 9.30 -0.36 -1.23
CA TYR A 315 8.31 -1.41 -1.02
C TYR A 315 7.01 -1.09 -1.74
N MET A 316 6.61 0.19 -1.72
CA MET A 316 5.41 0.61 -2.42
C MET A 316 5.53 0.35 -3.92
N LYS A 317 6.66 0.74 -4.51
CA LYS A 317 6.87 0.51 -5.92
C LYS A 317 6.75 -0.98 -6.26
N LEU A 318 7.37 -1.83 -5.43
CA LEU A 318 7.33 -3.26 -5.69
C LEU A 318 5.90 -3.80 -5.58
N ALA A 319 5.11 -3.28 -4.65
CA ALA A 319 3.74 -3.75 -4.49
C ALA A 319 2.90 -3.45 -5.74
N ARG A 320 3.09 -2.28 -6.33
CA ARG A 320 2.37 -1.93 -7.55
C ARG A 320 2.76 -2.87 -8.69
N LEU A 321 4.06 -3.12 -8.86
CA LEU A 321 4.51 -4.04 -9.90
C LEU A 321 3.90 -5.42 -9.72
N GLN A 322 3.80 -5.90 -8.49
CA GLN A 322 3.20 -7.21 -8.23
C GLN A 322 1.71 -7.26 -8.53
N GLY A 323 1.04 -6.12 -8.51
CA GLY A 323 -0.38 -6.06 -8.79
C GLY A 323 -1.32 -5.70 -7.64
N ALA A 324 -0.82 -5.14 -6.55
CA ALA A 324 -1.70 -4.68 -5.48
C ALA A 324 -2.73 -3.71 -6.03
N SER A 325 -4.01 -3.97 -5.75
CA SER A 325 -5.06 -3.01 -6.07
C SER A 325 -5.09 -1.86 -5.07
N GLY A 326 -4.73 -2.13 -3.82
CA GLY A 326 -4.60 -1.12 -2.80
C GLY A 326 -3.66 -1.60 -1.72
N ILE A 327 -3.10 -0.64 -0.98
CA ILE A 327 -2.13 -0.97 0.07
C ILE A 327 -2.13 0.14 1.10
N HIS A 328 -1.85 -0.20 2.34
CA HIS A 328 -1.81 0.81 3.40
C HIS A 328 -0.62 1.74 3.19
N THR A 329 -0.86 3.04 3.36
CA THR A 329 0.20 4.04 3.26
C THR A 329 0.46 4.77 4.56
N GLY A 330 -0.58 5.17 5.29
CA GLY A 330 -0.40 5.91 6.52
C GLY A 330 -1.11 7.24 6.49
N THR A 331 -1.32 7.84 7.67
CA THR A 331 -2.11 9.06 7.80
C THR A 331 -1.30 10.32 7.58
N MET A 332 0.01 10.22 7.41
CA MET A 332 0.82 11.36 6.97
C MET A 332 0.78 12.50 7.97
N GLY A 333 0.84 12.16 9.25
CA GLY A 333 0.88 13.15 10.30
C GLY A 333 -0.47 13.73 10.70
N TYR A 334 -1.56 13.31 10.07
CA TYR A 334 -2.89 13.78 10.43
C TYR A 334 -3.64 12.80 11.30
N GLY A 335 -3.11 11.60 11.51
CA GLY A 335 -3.74 10.63 12.37
C GLY A 335 -2.97 10.43 13.67
N LYS A 336 -2.65 9.16 13.99
CA LYS A 336 -1.93 8.81 15.20
C LYS A 336 -0.98 7.65 14.90
N MET A 337 0.06 7.95 14.13
CA MET A 337 1.11 6.98 13.83
C MET A 337 2.40 7.76 13.61
N GLU A 338 3.40 7.10 13.01
CA GLU A 338 4.49 7.83 12.37
C GLU A 338 3.89 8.69 11.27
N GLY A 339 4.13 10.00 11.34
CA GLY A 339 3.40 10.89 10.46
C GLY A 339 4.09 12.18 10.10
N HIS A 340 4.24 12.40 8.80
CA HIS A 340 4.65 13.68 8.24
C HIS A 340 3.85 13.91 6.97
N SER A 341 3.39 15.14 6.78
CA SER A 341 2.67 15.48 5.55
C SER A 341 3.46 15.07 4.31
N ASP A 342 4.79 14.98 4.42
CA ASP A 342 5.63 14.70 3.26
C ASP A 342 5.62 13.24 2.85
N GLU A 343 5.03 12.34 3.65
CA GLU A 343 4.83 10.98 3.19
C GLU A 343 3.84 10.90 2.04
N ARG A 344 3.22 12.01 1.64
CA ARG A 344 2.30 11.96 0.51
C ARG A 344 2.95 11.37 -0.74
N VAL A 345 4.29 11.40 -0.82
CA VAL A 345 4.97 10.81 -1.98
C VAL A 345 4.68 9.31 -2.07
N LEU A 346 4.49 8.64 -0.93
CA LEU A 346 4.13 7.22 -0.99
C LEU A 346 2.83 7.02 -1.73
N ALA A 347 1.82 7.86 -1.46
CA ALA A 347 0.56 7.76 -2.19
C ALA A 347 0.75 8.14 -3.65
N TYR A 348 1.49 9.22 -3.92
CA TYR A 348 1.66 9.67 -5.30
C TYR A 348 2.37 8.61 -6.14
N MET A 349 3.38 7.94 -5.57
CA MET A 349 4.10 6.91 -6.32
C MET A 349 3.22 5.70 -6.61
N LEU A 350 2.22 5.46 -5.76
CA LEU A 350 1.32 4.33 -5.97
C LEU A 350 0.24 4.64 -7.01
N GLU A 351 -0.24 5.89 -7.07
CA GLU A 351 -1.47 6.18 -7.79
C GLU A 351 -1.28 6.99 -9.06
N ARG A 352 -0.17 7.71 -9.22
CA ARG A 352 0.02 8.58 -10.37
C ARG A 352 0.64 7.81 -11.54
N ASP A 353 0.48 8.36 -12.73
CA ASP A 353 1.14 7.76 -13.88
C ASP A 353 2.63 8.10 -13.93
N GLU A 354 3.05 9.10 -13.17
CA GLU A 354 4.45 9.51 -13.12
C GLU A 354 4.69 10.13 -11.75
N CYS A 355 5.86 9.87 -11.16
CA CYS A 355 6.14 10.42 -9.84
C CYS A 355 7.64 10.58 -9.62
N GLN A 356 8.03 11.71 -9.04
CA GLN A 356 9.40 11.91 -8.59
C GLN A 356 9.62 11.17 -7.27
N GLY A 357 10.61 10.28 -7.25
CA GLY A 357 11.04 9.63 -6.04
C GLY A 357 12.25 10.34 -5.43
N PRO A 358 12.73 9.82 -4.29
CA PRO A 358 13.87 10.47 -3.62
C PRO A 358 15.10 10.63 -4.49
N TYR A 359 15.38 9.66 -5.36
CA TYR A 359 16.54 9.75 -6.24
C TYR A 359 16.22 9.59 -7.73
N PHE A 360 15.05 9.07 -8.09
CA PHE A 360 14.74 8.80 -9.49
C PHE A 360 13.31 9.19 -9.82
N TYR A 361 13.14 9.82 -10.98
CA TYR A 361 11.81 10.07 -11.52
C TYR A 361 11.29 8.81 -12.19
N GLN A 362 10.08 8.39 -11.82
CA GLN A 362 9.54 7.13 -12.32
C GLN A 362 8.28 7.36 -13.13
N LYS A 363 8.30 6.92 -14.39
CA LYS A 363 7.13 6.84 -15.23
C LYS A 363 6.56 5.43 -15.14
N TRP A 364 5.23 5.33 -15.22
CA TRP A 364 4.58 4.04 -15.11
C TRP A 364 3.93 3.57 -16.40
N TYR A 365 3.91 4.42 -17.43
CA TYR A 365 3.53 4.02 -18.79
C TYR A 365 2.17 3.34 -18.85
N GLY A 366 1.22 3.89 -18.09
CA GLY A 366 -0.14 3.40 -18.10
C GLY A 366 -0.43 2.25 -17.17
N MET A 367 0.57 1.76 -16.43
CA MET A 367 0.30 0.75 -15.43
C MET A 367 -0.73 1.29 -14.43
N LYS A 368 -1.72 0.46 -14.11
CA LYS A 368 -2.80 0.93 -13.25
C LYS A 368 -2.27 1.39 -11.89
N ALA A 369 -2.99 2.33 -11.30
CA ALA A 369 -2.69 2.80 -9.96
C ALA A 369 -2.92 1.69 -8.93
N THR A 370 -2.16 1.75 -7.85
CA THR A 370 -2.47 1.07 -6.61
C THR A 370 -3.10 2.10 -5.67
N THR A 371 -4.26 1.79 -5.13
CA THR A 371 -5.00 2.80 -4.37
C THR A 371 -4.48 2.88 -2.94
N PRO A 372 -4.21 4.09 -2.43
CA PRO A 372 -3.86 4.22 -1.00
C PRO A 372 -5.03 3.83 -0.11
N ILE A 373 -4.73 3.02 0.90
CA ILE A 373 -5.69 2.66 1.94
C ILE A 373 -5.22 3.32 3.22
N ILE A 374 -5.96 4.32 3.67
CA ILE A 374 -5.56 5.15 4.78
C ILE A 374 -6.10 4.58 6.08
N SER A 375 -5.25 4.54 7.11
CA SER A 375 -5.67 4.06 8.42
C SER A 375 -4.70 4.60 9.46
N GLY A 376 -5.20 4.82 10.67
CA GLY A 376 -4.37 5.29 11.76
C GLY A 376 -4.96 6.45 12.51
N GLY A 377 -6.01 6.19 13.28
CA GLY A 377 -6.60 7.22 14.12
C GLY A 377 -7.07 8.44 13.36
N MET A 378 -7.79 8.24 12.27
CA MET A 378 -8.42 9.32 11.53
C MET A 378 -9.89 9.43 11.92
N ASN A 379 -10.44 10.64 11.77
CA ASN A 379 -11.86 10.86 12.00
C ASN A 379 -12.33 11.97 11.06
N ALA A 380 -13.62 12.29 11.14
CA ALA A 380 -14.22 13.20 10.17
C ALA A 380 -13.62 14.60 10.26
N LEU A 381 -13.34 15.07 11.47
CA LEU A 381 -12.75 16.40 11.61
C LEU A 381 -11.37 16.46 10.97
N ARG A 382 -10.58 15.40 11.16
CA ARG A 382 -9.20 15.39 10.67
C ARG A 382 -9.13 15.21 9.16
N LEU A 383 -10.15 14.59 8.55
CA LEU A 383 -10.08 14.25 7.14
C LEU A 383 -9.93 15.49 6.26
N ILE A 384 -10.48 16.63 6.71
CA ILE A 384 -10.42 17.84 5.88
C ILE A 384 -8.97 18.24 5.62
N GLY A 385 -8.19 18.41 6.70
CA GLY A 385 -6.79 18.74 6.51
C GLY A 385 -6.03 17.66 5.77
N PHE A 386 -6.39 16.40 6.01
CA PHE A 386 -5.73 15.31 5.30
C PHE A 386 -5.98 15.39 3.79
N PHE A 387 -7.25 15.59 3.41
CA PHE A 387 -7.56 15.73 2.00
C PHE A 387 -6.82 16.93 1.38
N GLU A 388 -6.86 18.07 2.07
CA GLU A 388 -6.23 19.27 1.53
C GLU A 388 -4.75 19.05 1.28
N ASN A 389 -4.07 18.33 2.18
CA ASN A 389 -2.65 18.06 2.01
C ASN A 389 -2.41 17.10 0.86
N LEU A 390 -3.23 16.06 0.74
CA LEU A 390 -3.04 15.07 -0.31
C LEU A 390 -3.36 15.64 -1.69
N GLY A 391 -4.39 16.49 -1.77
CA GLY A 391 -4.82 17.06 -3.03
C GLY A 391 -6.04 16.39 -3.64
N HIS A 392 -6.50 15.30 -3.05
CA HIS A 392 -7.66 14.57 -3.55
C HIS A 392 -8.19 13.71 -2.40
N ALA A 393 -9.31 13.01 -2.65
CA ALA A 393 -9.91 12.12 -1.67
C ALA A 393 -10.17 10.74 -2.26
N ASN A 394 -9.43 10.36 -3.30
CA ASN A 394 -9.59 9.08 -3.96
C ASN A 394 -8.83 8.00 -3.19
N VAL A 395 -9.32 7.73 -1.98
CA VAL A 395 -8.70 6.78 -1.08
C VAL A 395 -9.78 5.94 -0.40
N ILE A 396 -9.37 4.76 0.05
CA ILE A 396 -10.13 3.95 1.00
C ILE A 396 -9.59 4.26 2.39
N ASN A 397 -10.46 4.33 3.39
CA ASN A 397 -10.05 4.75 4.73
C ASN A 397 -10.74 3.87 5.75
N THR A 398 -9.95 3.14 6.53
CA THR A 398 -10.47 2.35 7.65
C THR A 398 -10.23 3.11 8.95
N CYS A 399 -11.31 3.49 9.62
CA CYS A 399 -11.26 4.21 10.89
C CYS A 399 -11.81 3.32 11.99
N GLY A 400 -10.98 3.00 12.97
CA GLY A 400 -11.43 2.24 14.12
C GLY A 400 -12.22 3.10 15.08
N GLY A 401 -11.54 4.08 15.69
CA GLY A 401 -12.22 4.98 16.61
C GLY A 401 -13.01 6.06 15.92
N GLY A 402 -12.56 6.51 14.76
CA GLY A 402 -13.29 7.52 14.00
C GLY A 402 -14.68 7.09 13.57
N SER A 403 -14.98 5.80 13.64
CA SER A 403 -16.29 5.27 13.28
C SER A 403 -17.04 4.77 14.52
N PHE A 404 -16.55 3.72 15.17
CA PHE A 404 -17.19 3.20 16.36
C PHE A 404 -17.10 4.17 17.54
N GLY A 405 -16.13 5.08 17.52
CA GLY A 405 -16.03 6.08 18.57
C GLY A 405 -16.99 7.25 18.46
N HIS A 406 -17.76 7.31 17.39
CA HIS A 406 -18.81 8.31 17.27
C HIS A 406 -19.85 8.11 18.36
N ILE A 407 -20.19 9.18 19.07
CA ILE A 407 -21.08 9.05 20.21
C ILE A 407 -22.46 8.54 19.81
N ASP A 408 -22.79 8.54 18.52
CA ASP A 408 -24.08 8.04 18.05
C ASP A 408 -23.97 6.65 17.42
N GLY A 409 -22.78 6.06 17.41
CA GLY A 409 -22.63 4.70 16.97
C GLY A 409 -21.86 4.56 15.68
N PRO A 410 -21.49 3.32 15.35
CA PRO A 410 -20.65 3.09 14.16
C PRO A 410 -21.28 3.55 12.86
N ALA A 411 -22.59 3.35 12.71
CA ALA A 411 -23.27 3.80 11.49
C ALA A 411 -23.17 5.32 11.35
N ALA A 412 -23.48 6.05 12.43
CA ALA A 412 -23.33 7.49 12.41
C ALA A 412 -21.88 7.88 12.15
N GLY A 413 -20.92 7.15 12.73
CA GLY A 413 -19.53 7.43 12.46
C GLY A 413 -19.21 7.32 10.98
N GLY A 414 -19.62 6.22 10.36
CA GLY A 414 -19.41 6.07 8.93
C GLY A 414 -19.99 7.20 8.11
N LYS A 415 -21.21 7.62 8.44
CA LYS A 415 -21.80 8.76 7.75
C LYS A 415 -20.97 10.02 7.94
N SER A 416 -20.46 10.24 9.16
CA SER A 416 -19.69 11.44 9.43
C SER A 416 -18.42 11.49 8.57
N LEU A 417 -17.88 10.31 8.21
CA LEU A 417 -16.71 10.26 7.34
C LEU A 417 -17.08 10.63 5.91
N ASP A 418 -18.15 10.04 5.36
CA ASP A 418 -18.64 10.47 4.06
C ASP A 418 -18.87 11.97 4.04
N GLN A 419 -19.51 12.50 5.10
CA GLN A 419 -19.84 13.91 5.13
C GLN A 419 -18.60 14.78 5.19
N ALA A 420 -17.51 14.28 5.76
CA ALA A 420 -16.24 15.00 5.70
C ALA A 420 -15.76 15.14 4.27
N TYR A 421 -15.92 14.08 3.47
CA TYR A 421 -15.55 14.15 2.06
C TYR A 421 -16.40 15.17 1.31
N GLN A 422 -17.72 15.13 1.52
CA GLN A 422 -18.59 16.10 0.88
C GLN A 422 -18.17 17.53 1.22
N CYS A 423 -17.89 17.78 2.50
CA CYS A 423 -17.52 19.13 2.93
C CYS A 423 -16.26 19.60 2.21
N TRP A 424 -15.21 18.77 2.21
CA TRP A 424 -14.00 19.10 1.47
C TRP A 424 -14.32 19.30 0.00
N LYS A 425 -15.04 18.35 -0.61
CA LYS A 425 -15.37 18.43 -2.03
C LYS A 425 -16.06 19.75 -2.35
N GLU A 426 -16.96 20.20 -1.48
CA GLU A 426 -17.67 21.44 -1.68
C GLU A 426 -16.83 22.68 -1.34
N GLY A 427 -15.63 22.49 -0.79
CA GLY A 427 -14.88 23.62 -0.27
C GLY A 427 -15.64 24.41 0.77
N ALA A 428 -16.52 23.77 1.51
CA ALA A 428 -17.36 24.47 2.48
C ALA A 428 -16.63 24.67 3.79
N ASP A 429 -17.09 25.65 4.56
CA ASP A 429 -16.59 25.87 5.91
C ASP A 429 -17.06 24.74 6.80
N PRO A 430 -16.16 23.97 7.44
CA PRO A 430 -16.61 22.81 8.21
C PRO A 430 -17.68 23.11 9.25
N ILE A 431 -17.59 24.24 9.95
CA ILE A 431 -18.58 24.52 10.99
C ILE A 431 -19.93 24.87 10.36
N GLU A 432 -19.92 25.71 9.32
CA GLU A 432 -21.15 25.98 8.60
C GLU A 432 -21.73 24.71 8.00
N PHE A 433 -20.87 23.87 7.43
CA PHE A 433 -21.32 22.60 6.87
C PHE A 433 -22.00 21.74 7.94
N ALA A 434 -21.45 21.75 9.15
CA ALA A 434 -21.99 20.88 10.20
C ALA A 434 -23.41 21.27 10.59
N LYS A 435 -23.77 22.55 10.45
CA LYS A 435 -25.11 22.98 10.82
C LYS A 435 -26.19 22.23 10.05
N GLU A 436 -25.85 21.76 8.84
CA GLU A 436 -26.82 21.12 7.96
C GLU A 436 -26.53 19.63 7.78
N HIS A 437 -25.63 19.05 8.57
CA HIS A 437 -25.25 17.65 8.45
C HIS A 437 -24.99 17.12 9.86
N LYS A 438 -25.96 16.38 10.40
CA LYS A 438 -25.97 16.08 11.83
C LYS A 438 -24.83 15.16 12.24
N GLU A 439 -24.56 14.13 11.45
CA GLU A 439 -23.52 13.18 11.83
C GLU A 439 -22.14 13.85 11.87
N PHE A 440 -21.85 14.70 10.89
CA PHE A 440 -20.61 15.47 10.94
C PHE A 440 -20.59 16.38 12.16
N ALA A 441 -21.70 17.05 12.45
CA ALA A 441 -21.76 17.92 13.60
C ALA A 441 -21.50 17.15 14.89
N ARG A 442 -22.05 15.93 14.99
CA ARG A 442 -21.88 15.12 16.19
C ARG A 442 -20.47 14.54 16.31
N ALA A 443 -19.67 14.58 15.24
CA ALA A 443 -18.27 14.21 15.37
C ALA A 443 -17.50 15.24 16.19
N PHE A 444 -17.91 16.51 16.13
CA PHE A 444 -17.32 17.54 16.99
C PHE A 444 -17.46 17.16 18.45
N GLU A 445 -18.65 16.71 18.85
CA GLU A 445 -18.87 16.30 20.24
C GLU A 445 -18.18 14.97 20.54
N SER A 446 -18.04 14.11 19.53
CA SER A 446 -17.39 12.82 19.75
C SER A 446 -15.90 12.99 20.03
N PHE A 447 -15.26 13.94 19.35
CA PHE A 447 -13.84 14.21 19.48
C PHE A 447 -13.64 15.69 19.70
N PRO A 448 -14.01 16.21 20.88
CA PRO A 448 -13.95 17.66 21.07
C PRO A 448 -12.54 18.17 21.27
N TRP A 449 -11.63 17.33 21.76
CA TRP A 449 -10.23 17.70 21.81
C TRP A 449 -9.74 18.13 20.43
N ASP A 450 -10.16 17.42 19.38
CA ASP A 450 -9.77 17.77 18.03
C ASP A 450 -10.55 18.98 17.52
N ALA A 451 -11.84 19.06 17.85
CA ALA A 451 -12.65 20.19 17.41
C ALA A 451 -12.15 21.50 18.03
N ASP A 452 -11.86 21.49 19.33
CA ASP A 452 -11.31 22.67 19.97
C ASP A 452 -10.05 23.15 19.25
N LYS A 453 -9.22 22.21 18.81
CA LYS A 453 -7.99 22.53 18.12
C LYS A 453 -8.26 23.05 16.71
N LEU A 454 -8.97 22.26 15.91
CA LEU A 454 -9.09 22.54 14.48
C LEU A 454 -10.12 23.62 14.19
N PHE A 455 -11.15 23.76 15.02
CA PHE A 455 -12.29 24.63 14.71
C PHE A 455 -12.71 25.41 15.96
N PRO A 456 -11.77 26.16 16.55
CA PRO A 456 -12.13 26.96 17.73
C PRO A 456 -13.32 27.86 17.44
N GLY A 457 -14.29 27.82 18.34
CA GLY A 457 -15.56 28.52 18.18
C GLY A 457 -16.73 27.62 17.92
N TRP A 458 -16.49 26.37 17.51
CA TRP A 458 -17.58 25.47 17.15
C TRP A 458 -18.61 25.35 18.27
N ARG A 459 -18.15 25.34 19.52
CA ARG A 459 -19.07 25.13 20.63
C ARG A 459 -20.23 26.11 20.58
N GLU A 460 -19.92 27.39 20.38
CA GLU A 460 -20.99 28.40 20.34
C GLU A 460 -21.80 28.29 19.06
N LYS A 461 -21.13 28.15 17.91
CA LYS A 461 -21.86 28.18 16.65
C LYS A 461 -22.80 26.98 16.49
N LEU A 462 -22.49 25.86 17.14
CA LEU A 462 -23.28 24.64 16.98
C LEU A 462 -24.11 24.28 18.20
N GLY A 463 -23.94 24.97 19.32
CA GLY A 463 -24.74 24.70 20.50
C GLY A 463 -24.21 23.58 21.35
#